data_3K2D
#
_entry.id   3K2D
#
_cell.length_a   273.600
_cell.length_b   273.600
_cell.length_c   273.600
_cell.angle_alpha   90.000
_cell.angle_beta   90.000
_cell.angle_gamma   90.000
#
_symmetry.space_group_name_H-M   'F 4 3 2'
#
loop_
_entity.id
_entity.type
_entity.pdbx_description
1 polymer 'ABC-type metal ion transport system, periplasmic component'
2 non-polymer METHIONINE
3 water water
#
_entity_poly.entity_id   1
_entity_poly.type   'polypeptide(L)'
_entity_poly.pdbx_seq_one_letter_code
;GHMDTSKVKVGVMAGAEAQVAEVAAKVAKEKYGLDVELVTFTDYVTPNAALDDGSIDMNAFQHKPYLDRQVEDRDYKLTI
AGNTFVYPIAGYSKQVKSVAALADGVRIAVPNDPTNLGRSLLLLEQQGLIKLRPEVGLLATVRDIVENPKNITIMELDAA
QLPRSLDDVALSIINTTYASSINLTPEKDGVFVEDKESPYVNLIVARQDNVQNENVQNFVKAYQTEEVYTAAKEIFK
;
_entity_poly.pdbx_strand_id   A,B
#
# COMPACT_ATOMS: atom_id res chain seq x y z
N GLY A 1 12.92 1.58 33.67
CA GLY A 1 13.88 1.41 34.79
C GLY A 1 13.31 1.83 36.13
N HIS A 2 14.14 2.41 36.98
CA HIS A 2 13.66 2.83 38.28
C HIS A 2 13.43 4.35 38.36
N MET A 3 13.73 5.04 37.27
CA MET A 3 13.58 6.50 37.13
C MET A 3 13.72 6.77 35.62
N ASP A 4 12.94 7.70 35.08
CA ASP A 4 13.03 7.96 33.64
C ASP A 4 13.75 9.23 33.21
N THR A 5 14.29 9.17 31.99
CA THR A 5 15.01 10.30 31.41
C THR A 5 14.06 11.48 31.18
N SER A 6 14.61 12.68 31.26
CA SER A 6 13.85 13.89 31.03
C SER A 6 13.55 13.95 29.53
N LYS A 7 12.28 13.98 29.15
CA LYS A 7 11.94 14.02 27.74
C LYS A 7 10.95 15.10 27.32
N VAL A 8 10.88 15.35 26.03
CA VAL A 8 9.95 16.35 25.51
C VAL A 8 9.02 15.64 24.54
N LYS A 9 7.71 15.88 24.70
CA LYS A 9 6.72 15.24 23.86
C LYS A 9 6.38 16.02 22.60
N VAL A 10 6.64 15.39 21.45
CA VAL A 10 6.36 15.99 20.16
C VAL A 10 5.19 15.24 19.52
N GLY A 11 4.18 15.99 19.08
CA GLY A 11 3.03 15.38 18.46
C GLY A 11 3.17 15.33 16.94
N VAL A 12 2.92 14.16 16.36
CA VAL A 12 3.04 13.99 14.93
C VAL A 12 1.92 13.07 14.40
N MET A 13 1.83 12.94 13.10
CA MET A 13 0.81 12.08 12.54
C MET A 13 1.36 10.68 12.32
N ALA A 14 0.54 9.68 12.64
CA ALA A 14 0.91 8.28 12.47
C ALA A 14 1.32 7.97 11.02
N GLY A 15 2.19 6.98 10.83
CA GLY A 15 2.60 6.61 9.48
C GLY A 15 3.89 7.21 8.93
N ALA A 16 3.86 7.53 7.63
CA ALA A 16 5.00 8.10 6.94
C ALA A 16 5.61 9.28 7.67
N GLU A 17 4.76 10.17 8.14
CA GLU A 17 5.25 11.35 8.84
C GLU A 17 5.95 11.05 10.18
N ALA A 18 5.48 10.00 10.86
CA ALA A 18 6.10 9.63 12.11
C ALA A 18 7.49 9.06 11.83
N GLN A 19 7.63 8.41 10.68
CA GLN A 19 8.92 7.83 10.31
C GLN A 19 9.96 8.92 10.13
N VAL A 20 9.51 10.05 9.56
CA VAL A 20 10.38 11.19 9.36
C VAL A 20 10.73 11.80 10.73
N ALA A 21 9.72 11.93 11.59
CA ALA A 21 9.92 12.48 12.92
C ALA A 21 10.89 11.64 13.72
N GLU A 22 10.90 10.35 13.47
CA GLU A 22 11.78 9.42 14.16
C GLU A 22 13.24 9.77 13.87
N VAL A 23 13.54 10.09 12.63
CA VAL A 23 14.89 10.43 12.27
C VAL A 23 15.28 11.76 12.92
N ALA A 24 14.37 12.73 12.85
CA ALA A 24 14.60 14.03 13.45
C ALA A 24 14.94 13.84 14.93
N ALA A 25 14.19 12.96 15.59
CA ALA A 25 14.42 12.67 17.00
C ALA A 25 15.80 12.04 17.16
N LYS A 26 16.19 11.25 16.16
CA LYS A 26 17.48 10.61 16.18
C LYS A 26 18.55 11.70 16.11
N VAL A 27 18.42 12.59 15.12
CA VAL A 27 19.39 13.67 14.95
C VAL A 27 19.43 14.61 16.15
N ALA A 28 18.29 14.81 16.79
CA ALA A 28 18.23 15.68 17.96
C ALA A 28 19.07 15.12 19.13
N LYS A 29 19.12 13.80 19.27
CA LYS A 29 19.89 13.19 20.36
C LYS A 29 21.40 13.23 20.11
N GLU A 30 21.81 13.02 18.88
CA GLU A 30 23.23 13.01 18.54
C GLU A 30 23.82 14.40 18.54
N LYS A 31 23.06 15.36 17.99
CA LYS A 31 23.53 16.74 17.91
C LYS A 31 23.30 17.61 19.15
N TYR A 32 22.13 17.49 19.78
CA TYR A 32 21.83 18.33 20.93
C TYR A 32 21.61 17.57 22.24
N GLY A 33 21.70 16.25 22.20
CA GLY A 33 21.47 15.48 23.40
C GLY A 33 20.08 15.73 23.91
N LEU A 34 19.16 15.94 22.97
CA LEU A 34 17.77 16.21 23.29
C LEU A 34 16.98 14.91 23.18
N ASP A 35 16.45 14.43 24.30
CA ASP A 35 15.68 13.20 24.26
C ASP A 35 14.24 13.50 23.87
N VAL A 36 13.81 12.93 22.74
CA VAL A 36 12.47 13.17 22.26
C VAL A 36 11.59 11.94 22.28
N GLU A 37 10.32 12.15 22.60
CA GLU A 37 9.34 11.10 22.62
C GLU A 37 8.24 11.46 21.64
N LEU A 38 8.12 10.68 20.58
CA LEU A 38 7.11 10.92 19.58
C LEU A 38 5.75 10.48 20.08
N VAL A 39 4.73 11.29 19.81
CA VAL A 39 3.36 10.97 20.18
C VAL A 39 2.57 11.08 18.88
N THR A 40 2.15 9.93 18.35
CA THR A 40 1.42 9.89 17.09
C THR A 40 -0.07 10.11 17.26
N PHE A 41 -0.66 10.77 16.27
CA PHE A 41 -2.09 11.06 16.26
C PHE A 41 -2.66 10.65 14.91
N THR A 42 -3.96 10.37 14.87
CA THR A 42 -4.60 9.96 13.62
C THR A 42 -5.60 10.99 13.10
N ASP A 43 -5.90 12.01 13.91
CA ASP A 43 -6.88 13.04 13.50
C ASP A 43 -6.23 14.43 13.55
N TYR A 44 -6.49 15.24 12.54
CA TYR A 44 -5.92 16.60 12.50
C TYR A 44 -6.37 17.54 13.62
N VAL A 45 -7.60 17.38 14.13
CA VAL A 45 -8.10 18.29 15.16
C VAL A 45 -7.58 18.07 16.58
N THR A 46 -6.74 17.06 16.77
CA THR A 46 -6.24 16.77 18.10
C THR A 46 -4.90 17.40 18.50
N PRO A 47 -3.89 17.34 17.64
CA PRO A 47 -2.56 17.90 17.91
C PRO A 47 -2.48 19.28 18.58
N ASN A 48 -3.17 20.28 18.03
CA ASN A 48 -3.16 21.62 18.64
C ASN A 48 -3.83 21.60 20.00
N ALA A 49 -4.90 20.83 20.13
CA ALA A 49 -5.60 20.75 21.41
C ALA A 49 -4.67 20.16 22.46
N ALA A 50 -3.88 19.16 22.07
CA ALA A 50 -2.97 18.55 23.02
C ALA A 50 -1.87 19.55 23.41
N LEU A 51 -1.37 20.26 22.40
CA LEU A 51 -0.33 21.24 22.61
C LEU A 51 -0.83 22.32 23.57
N ASP A 52 -1.99 22.89 23.26
CA ASP A 52 -2.60 23.92 24.06
C ASP A 52 -2.91 23.46 25.49
N ASP A 53 -3.38 22.22 25.64
CA ASP A 53 -3.71 21.67 26.94
C ASP A 53 -2.47 21.36 27.78
N GLY A 54 -1.31 21.24 27.15
CA GLY A 54 -0.10 20.92 27.87
C GLY A 54 0.24 19.44 27.86
N SER A 55 -0.44 18.67 27.01
CA SER A 55 -0.19 17.24 26.93
C SER A 55 1.07 16.95 26.14
N ILE A 56 1.45 17.87 25.28
CA ILE A 56 2.68 17.74 24.48
C ILE A 56 3.35 19.11 24.43
N ASP A 57 4.66 19.12 24.17
CA ASP A 57 5.40 20.37 24.13
C ASP A 57 5.43 21.02 22.76
N MET A 58 5.10 20.26 21.73
CA MET A 58 5.06 20.78 20.36
C MET A 58 4.50 19.74 19.39
N ASN A 59 4.14 20.18 18.18
CA ASN A 59 3.64 19.25 17.17
C ASN A 59 4.15 19.64 15.79
N ALA A 60 4.10 18.67 14.88
CA ALA A 60 4.56 18.89 13.52
C ALA A 60 3.61 18.16 12.58
N PHE A 61 2.61 18.88 12.05
CA PHE A 61 1.63 18.24 11.17
C PHE A 61 0.79 19.20 10.33
N GLN A 62 0.84 20.50 10.59
CA GLN A 62 -0.02 21.43 9.86
C GLN A 62 0.68 22.53 9.08
N HIS A 63 -0.12 23.24 8.27
CA HIS A 63 0.37 24.39 7.53
C HIS A 63 -0.26 25.64 8.17
N LYS A 64 0.23 26.82 7.84
CA LYS A 64 -0.31 28.02 8.46
C LYS A 64 -1.83 28.24 8.31
N PRO A 65 -2.37 28.10 7.08
CA PRO A 65 -3.82 28.30 6.93
C PRO A 65 -4.60 27.51 7.95
N TYR A 66 -4.20 26.25 8.15
CA TYR A 66 -4.88 25.37 9.08
C TYR A 66 -4.75 25.80 10.54
N LEU A 67 -3.55 26.22 10.92
CA LEU A 67 -3.30 26.66 12.28
C LEU A 67 -4.09 27.95 12.59
N ASP A 68 -3.99 28.94 11.69
CA ASP A 68 -4.72 30.20 11.90
C ASP A 68 -6.21 29.94 12.08
N ARG A 69 -6.77 29.10 11.21
CA ARG A 69 -8.18 28.79 11.25
C ARG A 69 -8.57 28.14 12.57
N GLN A 70 -7.73 27.21 13.02
CA GLN A 70 -8.02 26.50 14.25
C GLN A 70 -7.84 27.40 15.49
N VAL A 71 -6.90 28.33 15.42
CA VAL A 71 -6.67 29.27 16.52
C VAL A 71 -7.85 30.23 16.63
N GLU A 72 -8.42 30.59 15.48
CA GLU A 72 -9.56 31.48 15.43
C GLU A 72 -10.81 30.80 15.96
N ASP A 73 -10.99 29.53 15.64
CA ASP A 73 -12.18 28.81 16.09
C ASP A 73 -12.11 28.29 17.52
N ARG A 74 -10.91 28.11 18.07
CA ARG A 74 -10.80 27.60 19.43
C ARG A 74 -9.97 28.45 20.38
N ASP A 75 -9.26 29.44 19.85
CA ASP A 75 -8.43 30.31 20.67
C ASP A 75 -7.31 29.59 21.41
N TYR A 76 -6.42 28.94 20.66
CA TYR A 76 -5.33 28.17 21.27
C TYR A 76 -4.03 28.86 21.72
N LYS A 77 -3.68 30.02 21.19
CA LYS A 77 -2.42 30.68 21.62
C LYS A 77 -1.17 29.83 21.33
N LEU A 78 -0.79 29.78 20.05
CA LEU A 78 0.36 29.00 19.65
C LEU A 78 1.26 29.85 18.79
N THR A 79 2.50 29.43 18.62
CA THR A 79 3.42 30.19 17.80
C THR A 79 4.21 29.25 16.90
N ILE A 80 4.40 29.65 15.64
CA ILE A 80 5.17 28.85 14.72
C ILE A 80 6.64 28.86 15.17
N ALA A 81 7.25 27.67 15.19
CA ALA A 81 8.66 27.54 15.60
C ALA A 81 9.60 27.42 14.39
N GLY A 82 9.11 26.82 13.31
CA GLY A 82 9.90 26.65 12.11
C GLY A 82 9.17 25.87 11.02
N ASN A 83 9.60 26.00 9.78
CA ASN A 83 8.96 25.29 8.68
C ASN A 83 9.56 23.90 8.52
N THR A 84 8.75 22.95 8.06
CA THR A 84 9.25 21.60 7.80
C THR A 84 9.19 21.42 6.29
N PHE A 85 8.29 20.57 5.79
CA PHE A 85 8.21 20.36 4.35
C PHE A 85 6.87 20.74 3.74
N VAL A 86 6.88 20.81 2.41
CA VAL A 86 5.68 21.09 1.63
C VAL A 86 5.26 19.73 1.08
N TYR A 87 3.98 19.44 1.11
CA TYR A 87 3.49 18.18 0.59
C TYR A 87 2.42 18.50 -0.46
N PRO A 88 2.84 18.86 -1.67
CA PRO A 88 1.90 19.17 -2.74
C PRO A 88 0.79 18.14 -2.84
N ILE A 89 -0.41 18.51 -2.42
CA ILE A 89 -1.54 17.60 -2.42
C ILE A 89 -1.89 17.18 -3.85
N ALA A 90 -2.42 15.96 -3.98
CA ALA A 90 -2.77 15.46 -5.29
C ALA A 90 -4.13 14.80 -5.33
N GLY A 91 -4.65 14.66 -6.54
CA GLY A 91 -5.93 13.99 -6.73
C GLY A 91 -5.59 12.59 -7.21
N TYR A 92 -6.16 11.57 -6.58
CA TYR A 92 -5.91 10.19 -6.99
C TYR A 92 -7.18 9.54 -7.52
N SER A 93 -7.02 8.37 -8.12
CA SER A 93 -8.16 7.64 -8.68
C SER A 93 -7.87 6.19 -9.05
N LYS A 94 -8.83 5.33 -8.79
CA LYS A 94 -8.70 3.91 -9.13
C LYS A 94 -9.46 3.68 -10.43
N GLN A 95 -9.94 4.75 -11.05
CA GLN A 95 -10.71 4.65 -12.27
C GLN A 95 -10.14 5.37 -13.49
N VAL A 96 -9.76 6.64 -13.30
CA VAL A 96 -9.21 7.42 -14.39
C VAL A 96 -7.74 7.73 -14.20
N LYS A 97 -7.08 8.06 -15.31
CA LYS A 97 -5.67 8.39 -15.31
C LYS A 97 -5.52 9.87 -15.68
N SER A 98 -6.61 10.48 -16.14
CA SER A 98 -6.60 11.89 -16.51
C SER A 98 -7.95 12.53 -16.21
N VAL A 99 -7.92 13.84 -16.03
CA VAL A 99 -9.12 14.60 -15.73
C VAL A 99 -10.01 14.80 -16.96
N ALA A 100 -9.39 15.06 -18.10
CA ALA A 100 -10.16 15.23 -19.32
C ALA A 100 -10.72 13.86 -19.62
N ALA A 101 -12.00 13.79 -19.98
CA ALA A 101 -12.65 12.52 -20.28
C ALA A 101 -13.13 11.86 -19.00
N LEU A 102 -13.39 12.71 -18.01
CA LEU A 102 -13.92 12.26 -16.74
C LEU A 102 -15.40 12.31 -17.08
N ALA A 103 -16.11 11.23 -16.81
CA ALA A 103 -17.54 11.21 -17.12
C ALA A 103 -18.28 12.35 -16.42
N ASP A 104 -19.36 12.77 -17.04
CA ASP A 104 -20.19 13.82 -16.49
C ASP A 104 -20.93 13.32 -15.27
N GLY A 105 -21.15 14.20 -14.30
CA GLY A 105 -21.87 13.83 -13.10
C GLY A 105 -21.09 12.96 -12.13
N VAL A 106 -19.77 12.92 -12.24
CA VAL A 106 -19.00 12.09 -11.31
C VAL A 106 -18.91 12.75 -9.94
N ARG A 107 -18.53 11.93 -8.96
CA ARG A 107 -18.37 12.35 -7.58
C ARG A 107 -16.87 12.53 -7.34
N ILE A 108 -16.50 13.66 -6.73
CA ILE A 108 -15.11 13.94 -6.41
C ILE A 108 -15.02 14.18 -4.90
N ALA A 109 -14.26 13.35 -4.22
CA ALA A 109 -14.10 13.48 -2.77
C ALA A 109 -12.95 14.44 -2.39
N VAL A 110 -13.18 15.25 -1.36
CA VAL A 110 -12.20 16.22 -0.87
C VAL A 110 -12.30 16.32 0.66
N PRO A 111 -11.26 16.85 1.33
CA PRO A 111 -11.32 16.97 2.78
C PRO A 111 -12.36 18.02 3.18
N ASN A 112 -12.86 17.94 4.40
CA ASN A 112 -13.90 18.87 4.83
C ASN A 112 -13.50 20.01 5.77
N ASP A 113 -12.30 19.99 6.33
CA ASP A 113 -11.92 21.10 7.18
C ASP A 113 -11.78 22.26 6.19
N PRO A 114 -12.16 23.48 6.61
CA PRO A 114 -12.11 24.68 5.77
C PRO A 114 -10.87 25.05 4.96
N THR A 115 -9.68 24.96 5.54
CA THR A 115 -8.51 25.33 4.76
C THR A 115 -8.12 24.29 3.73
N ASN A 116 -8.35 23.02 4.02
CA ASN A 116 -8.01 22.00 3.04
C ASN A 116 -9.14 21.82 2.02
N LEU A 117 -10.33 22.27 2.37
CA LEU A 117 -11.47 22.20 1.45
C LEU A 117 -11.18 23.25 0.39
N GLY A 118 -10.84 24.46 0.86
CA GLY A 118 -10.54 25.56 -0.03
C GLY A 118 -9.37 25.24 -0.94
N ARG A 119 -8.37 24.59 -0.36
CA ARG A 119 -7.18 24.20 -1.09
C ARG A 119 -7.56 23.25 -2.24
N SER A 120 -8.44 22.29 -1.93
CA SER A 120 -8.88 21.30 -2.92
C SER A 120 -9.66 21.95 -4.05
N LEU A 121 -10.58 22.84 -3.71
CA LEU A 121 -11.38 23.50 -4.72
C LEU A 121 -10.49 24.34 -5.64
N LEU A 122 -9.51 25.03 -5.06
CA LEU A 122 -8.58 25.81 -5.85
C LEU A 122 -7.83 24.88 -6.82
N LEU A 123 -7.43 23.71 -6.32
CA LEU A 123 -6.72 22.74 -7.14
C LEU A 123 -7.60 22.24 -8.28
N LEU A 124 -8.86 21.97 -7.99
CA LEU A 124 -9.79 21.49 -9.01
C LEU A 124 -9.92 22.53 -10.12
N GLU A 125 -10.01 23.80 -9.71
CA GLU A 125 -10.12 24.90 -10.65
C GLU A 125 -8.93 24.90 -11.60
N GLN A 126 -7.74 24.63 -11.05
CA GLN A 126 -6.54 24.60 -11.87
C GLN A 126 -6.61 23.49 -12.90
N GLN A 127 -7.46 22.50 -12.64
CA GLN A 127 -7.61 21.38 -13.55
C GLN A 127 -8.69 21.70 -14.58
N GLY A 128 -9.37 22.82 -14.38
CA GLY A 128 -10.43 23.20 -15.29
C GLY A 128 -11.71 22.44 -15.04
N LEU A 129 -11.80 21.76 -13.90
CA LEU A 129 -13.00 20.99 -13.59
C LEU A 129 -14.11 21.91 -13.10
N ILE A 130 -13.72 23.02 -12.49
CA ILE A 130 -14.68 23.99 -11.98
C ILE A 130 -14.07 25.37 -11.99
N LYS A 131 -14.90 26.39 -11.80
CA LYS A 131 -14.40 27.74 -11.75
C LYS A 131 -14.96 28.36 -10.46
N LEU A 132 -14.12 29.14 -9.77
CA LEU A 132 -14.53 29.80 -8.52
C LEU A 132 -14.67 31.30 -8.72
N ARG A 133 -15.45 31.96 -7.88
CA ARG A 133 -15.62 33.39 -8.00
C ARG A 133 -14.27 34.09 -7.94
N PRO A 134 -14.17 35.26 -8.57
CA PRO A 134 -12.92 36.03 -8.59
C PRO A 134 -12.24 36.33 -7.25
N GLU A 135 -13.00 36.91 -6.30
CA GLU A 135 -12.46 37.29 -4.99
C GLU A 135 -12.30 36.17 -3.95
N VAL A 136 -12.60 34.93 -4.30
CA VAL A 136 -12.48 33.83 -3.34
C VAL A 136 -11.05 33.71 -2.85
N GLY A 137 -10.87 33.36 -1.59
CA GLY A 137 -9.53 33.23 -1.05
C GLY A 137 -9.05 31.81 -0.85
N LEU A 138 -8.49 31.53 0.32
CA LEU A 138 -8.01 30.19 0.61
C LEU A 138 -9.10 29.37 1.28
N LEU A 139 -10.24 30.00 1.56
CA LEU A 139 -11.33 29.30 2.22
C LEU A 139 -12.56 29.07 1.35
N ALA A 140 -12.35 28.87 0.06
CA ALA A 140 -13.46 28.63 -0.85
C ALA A 140 -14.34 27.46 -0.38
N THR A 141 -15.61 27.50 -0.75
CA THR A 141 -16.55 26.43 -0.43
C THR A 141 -17.39 26.24 -1.67
N VAL A 142 -18.27 25.24 -1.64
CA VAL A 142 -19.14 24.97 -2.78
C VAL A 142 -20.03 26.17 -3.14
N ARG A 143 -20.23 27.07 -2.19
CA ARG A 143 -21.04 28.25 -2.48
C ARG A 143 -20.27 29.18 -3.38
N ASP A 144 -18.96 28.97 -3.50
CA ASP A 144 -18.15 29.83 -4.36
C ASP A 144 -17.99 29.37 -5.80
N ILE A 145 -18.56 28.21 -6.13
CA ILE A 145 -18.46 27.69 -7.49
C ILE A 145 -19.32 28.48 -8.48
N VAL A 146 -18.71 28.96 -9.56
CA VAL A 146 -19.49 29.72 -10.54
C VAL A 146 -19.59 29.02 -11.88
N GLU A 147 -18.98 27.85 -11.98
CA GLU A 147 -19.01 27.09 -13.21
C GLU A 147 -18.65 25.64 -12.89
N ASN A 148 -19.47 24.72 -13.41
CA ASN A 148 -19.30 23.29 -13.18
C ASN A 148 -19.75 22.55 -14.43
N PRO A 149 -18.96 22.63 -15.51
CA PRO A 149 -19.21 22.00 -16.81
C PRO A 149 -19.54 20.49 -16.82
N LYS A 150 -18.81 19.70 -16.05
CA LYS A 150 -19.06 18.24 -16.02
C LYS A 150 -20.12 17.81 -15.00
N ASN A 151 -20.79 18.79 -14.40
CA ASN A 151 -21.82 18.52 -13.41
C ASN A 151 -21.28 17.66 -12.28
N ILE A 152 -20.13 18.03 -11.75
CA ILE A 152 -19.52 17.28 -10.67
C ILE A 152 -20.22 17.50 -9.33
N THR A 153 -20.13 16.51 -8.46
CA THR A 153 -20.68 16.63 -7.13
C THR A 153 -19.51 16.51 -6.17
N ILE A 154 -19.26 17.56 -5.42
CA ILE A 154 -18.16 17.58 -4.47
C ILE A 154 -18.57 16.91 -3.18
N MET A 155 -17.90 15.81 -2.84
CA MET A 155 -18.18 15.09 -1.61
C MET A 155 -17.12 15.50 -0.58
N GLU A 156 -17.56 16.15 0.49
CA GLU A 156 -16.65 16.58 1.54
C GLU A 156 -16.62 15.52 2.63
N LEU A 157 -15.42 15.02 2.93
CA LEU A 157 -15.24 13.97 3.94
C LEU A 157 -14.09 14.31 4.88
N ASP A 158 -14.06 13.63 6.03
CA ASP A 158 -12.99 13.85 6.99
C ASP A 158 -11.71 13.35 6.35
N ALA A 159 -10.65 14.15 6.44
CA ALA A 159 -9.36 13.82 5.85
C ALA A 159 -8.92 12.36 6.01
N ALA A 160 -9.11 11.78 7.20
CA ALA A 160 -8.70 10.39 7.39
C ALA A 160 -9.56 9.38 6.63
N GLN A 161 -10.71 9.81 6.12
CA GLN A 161 -11.57 8.90 5.37
C GLN A 161 -11.39 8.98 3.86
N LEU A 162 -10.56 9.90 3.40
CA LEU A 162 -10.33 10.03 1.94
C LEU A 162 -9.70 8.80 1.26
N PRO A 163 -8.78 8.10 1.94
CA PRO A 163 -8.19 6.92 1.29
C PRO A 163 -9.26 5.94 0.84
N ARG A 164 -10.08 5.51 1.79
CA ARG A 164 -11.15 4.56 1.52
C ARG A 164 -12.18 5.13 0.53
N SER A 165 -12.16 6.44 0.34
CA SER A 165 -13.12 7.05 -0.58
C SER A 165 -12.86 6.65 -2.03
N LEU A 166 -11.62 6.31 -2.34
CA LEU A 166 -11.26 5.92 -3.70
C LEU A 166 -12.12 4.79 -4.24
N ASP A 167 -12.76 4.05 -3.36
CA ASP A 167 -13.60 2.93 -3.76
C ASP A 167 -15.06 3.32 -4.00
N ASP A 168 -15.40 4.57 -3.74
CA ASP A 168 -16.77 5.03 -3.89
C ASP A 168 -16.97 6.20 -4.82
N VAL A 169 -15.90 6.92 -5.15
CA VAL A 169 -16.01 8.06 -6.03
C VAL A 169 -15.10 7.93 -7.22
N ALA A 170 -15.24 8.84 -8.18
CA ALA A 170 -14.42 8.81 -9.38
C ALA A 170 -12.99 9.27 -9.11
N LEU A 171 -12.84 10.17 -8.15
CA LEU A 171 -11.52 10.71 -7.85
C LEU A 171 -11.51 11.44 -6.50
N SER A 172 -10.40 11.33 -5.78
CA SER A 172 -10.28 11.95 -4.47
C SER A 172 -8.97 12.70 -4.27
N ILE A 173 -9.07 13.90 -3.72
CA ILE A 173 -7.90 14.70 -3.41
C ILE A 173 -7.59 14.31 -1.96
N ILE A 174 -6.43 13.66 -1.77
CA ILE A 174 -6.04 13.17 -0.46
C ILE A 174 -4.73 13.78 0.03
N ASN A 175 -4.70 14.16 1.30
CA ASN A 175 -3.48 14.71 1.92
C ASN A 175 -2.46 13.58 1.83
N THR A 176 -1.20 13.89 1.54
CA THR A 176 -0.18 12.86 1.44
C THR A 176 -0.04 12.11 2.76
N THR A 177 -0.43 12.77 3.84
CA THR A 177 -0.39 12.20 5.18
C THR A 177 -1.10 10.87 5.21
N TYR A 178 -2.18 10.77 4.44
CA TYR A 178 -2.98 9.55 4.41
C TYR A 178 -2.80 8.77 3.12
N ALA A 179 -2.60 9.47 2.01
CA ALA A 179 -2.40 8.81 0.73
C ALA A 179 -1.22 7.86 0.84
N SER A 180 -0.23 8.23 1.65
CA SER A 180 0.94 7.40 1.83
C SER A 180 0.62 6.11 2.57
N SER A 181 -0.38 6.15 3.45
CA SER A 181 -0.75 4.97 4.22
C SER A 181 -1.32 3.87 3.32
N ILE A 182 -1.66 4.21 2.08
CA ILE A 182 -2.17 3.23 1.13
C ILE A 182 -1.23 3.20 -0.07
N ASN A 183 0.03 3.46 0.23
CA ASN A 183 1.12 3.42 -0.74
C ASN A 183 0.95 4.24 -2.03
N LEU A 184 0.42 5.45 -1.90
CA LEU A 184 0.23 6.30 -3.07
C LEU A 184 1.08 7.57 -2.95
N THR A 185 1.67 8.01 -4.06
CA THR A 185 2.48 9.22 -4.06
C THR A 185 2.01 10.14 -5.16
N PRO A 186 2.19 11.46 -4.98
CA PRO A 186 1.74 12.37 -6.03
C PRO A 186 2.47 12.05 -7.33
N GLU A 187 3.80 11.98 -7.27
CA GLU A 187 4.60 11.70 -8.46
C GLU A 187 4.28 10.41 -9.20
N LYS A 188 3.96 9.35 -8.47
CA LYS A 188 3.69 8.08 -9.12
C LYS A 188 2.22 7.82 -9.46
N ASP A 189 1.32 8.13 -8.53
CA ASP A 189 -0.11 7.88 -8.72
C ASP A 189 -1.04 9.07 -8.95
N GLY A 190 -0.56 10.29 -8.71
CA GLY A 190 -1.42 11.44 -8.88
C GLY A 190 -1.98 11.68 -10.26
N VAL A 191 -3.27 12.00 -10.35
CA VAL A 191 -3.93 12.29 -11.62
C VAL A 191 -3.53 13.72 -11.96
N PHE A 192 -3.26 14.49 -10.92
CA PHE A 192 -2.81 15.86 -11.07
C PHE A 192 -2.23 16.22 -9.72
N VAL A 193 -1.29 17.16 -9.72
CA VAL A 193 -0.67 17.56 -8.48
C VAL A 193 -0.64 19.06 -8.31
N GLU A 194 -0.72 19.49 -7.06
CA GLU A 194 -0.69 20.89 -6.70
C GLU A 194 0.73 21.39 -6.96
N ASP A 195 0.89 22.70 -7.20
CA ASP A 195 2.22 23.24 -7.44
C ASP A 195 3.04 23.31 -6.17
N LYS A 196 4.34 23.03 -6.28
CA LYS A 196 5.28 23.06 -5.15
C LYS A 196 5.17 24.38 -4.40
N GLU A 197 5.10 25.46 -5.16
CA GLU A 197 4.99 26.80 -4.58
C GLU A 197 3.55 27.05 -4.17
N SER A 198 3.34 27.24 -2.87
CA SER A 198 2.02 27.47 -2.32
C SER A 198 2.17 27.86 -0.85
N PRO A 199 1.05 28.21 -0.20
CA PRO A 199 1.14 28.57 1.21
C PRO A 199 0.99 27.42 2.17
N TYR A 200 1.12 26.20 1.68
CA TYR A 200 0.92 25.04 2.54
C TYR A 200 2.14 24.33 3.13
N VAL A 201 3.25 25.03 3.31
CA VAL A 201 4.41 24.37 3.89
C VAL A 201 4.08 24.01 5.32
N ASN A 202 4.44 22.79 5.73
CA ASN A 202 4.17 22.36 7.09
C ASN A 202 5.05 23.04 8.12
N LEU A 203 4.69 22.89 9.39
CA LEU A 203 5.38 23.57 10.44
C LEU A 203 5.53 22.81 11.73
N ILE A 204 6.43 23.31 12.57
CA ILE A 204 6.62 22.77 13.89
C ILE A 204 6.05 23.90 14.72
N VAL A 205 4.98 23.60 15.42
CA VAL A 205 4.33 24.62 16.24
C VAL A 205 4.46 24.27 17.70
N ALA A 206 4.62 25.32 18.51
CA ALA A 206 4.75 25.16 19.95
C ALA A 206 3.80 26.16 20.59
N ARG A 207 3.72 26.14 21.92
CA ARG A 207 2.87 27.10 22.59
C ARG A 207 3.51 28.47 22.49
N GLN A 208 2.71 29.49 22.73
CA GLN A 208 3.14 30.87 22.69
C GLN A 208 4.15 31.14 23.81
N ASP A 209 3.97 30.46 24.94
CA ASP A 209 4.85 30.64 26.09
C ASP A 209 6.04 29.69 26.20
N ASN A 210 6.27 28.85 25.19
CA ASN A 210 7.42 27.97 25.29
C ASN A 210 8.24 27.94 24.01
N VAL A 211 7.79 28.66 23.00
CA VAL A 211 8.47 28.70 21.71
C VAL A 211 9.93 29.15 21.80
N GLN A 212 10.24 29.99 22.78
CA GLN A 212 11.60 30.49 22.94
C GLN A 212 12.60 29.46 23.45
N ASN A 213 12.13 28.45 24.17
CA ASN A 213 13.00 27.40 24.72
C ASN A 213 13.85 26.64 23.69
N GLU A 214 15.07 26.29 24.08
CA GLU A 214 15.98 25.56 23.18
C GLU A 214 15.46 24.18 22.80
N ASN A 215 14.61 23.61 23.63
CA ASN A 215 14.02 22.29 23.37
C ASN A 215 13.27 22.36 22.05
N VAL A 216 12.41 23.36 21.95
CA VAL A 216 11.63 23.56 20.73
C VAL A 216 12.57 23.93 19.59
N GLN A 217 13.35 24.99 19.78
CA GLN A 217 14.27 25.42 18.75
C GLN A 217 15.20 24.30 18.25
N ASN A 218 15.75 23.51 19.16
CA ASN A 218 16.67 22.44 18.73
C ASN A 218 16.00 21.36 17.90
N PHE A 219 14.78 20.98 18.26
CA PHE A 219 14.09 19.97 17.50
C PHE A 219 13.85 20.49 16.08
N VAL A 220 13.51 21.77 15.95
CA VAL A 220 13.27 22.41 14.66
C VAL A 220 14.52 22.30 13.79
N LYS A 221 15.68 22.55 14.39
CA LYS A 221 16.94 22.48 13.66
C LYS A 221 17.23 21.04 13.20
N ALA A 222 17.04 20.10 14.12
CA ALA A 222 17.29 18.71 13.80
C ALA A 222 16.42 18.21 12.63
N TYR A 223 15.18 18.71 12.58
CA TYR A 223 14.22 18.31 11.56
C TYR A 223 14.57 18.89 10.20
N GLN A 224 15.39 19.93 10.21
CA GLN A 224 15.79 20.58 8.96
C GLN A 224 17.16 20.16 8.47
N THR A 225 17.77 19.19 9.15
CA THR A 225 19.09 18.71 8.77
C THR A 225 19.01 17.93 7.47
N GLU A 226 20.17 17.75 6.84
CA GLU A 226 20.25 17.02 5.58
C GLU A 226 19.87 15.55 5.79
N GLU A 227 20.20 14.99 6.95
CA GLU A 227 19.89 13.60 7.25
C GLU A 227 18.39 13.32 7.19
N VAL A 228 17.61 14.11 7.91
CA VAL A 228 16.17 13.93 7.93
C VAL A 228 15.60 14.12 6.53
N TYR A 229 16.12 15.11 5.81
CA TYR A 229 15.63 15.38 4.46
C TYR A 229 15.84 14.14 3.61
N THR A 230 17.04 13.57 3.69
CA THR A 230 17.38 12.37 2.95
C THR A 230 16.39 11.25 3.30
N ALA A 231 16.15 11.07 4.59
CA ALA A 231 15.23 10.04 5.05
C ALA A 231 13.82 10.31 4.54
N ALA A 232 13.44 11.59 4.50
CA ALA A 232 12.11 11.96 4.04
C ALA A 232 11.92 11.60 2.57
N LYS A 233 12.89 11.98 1.74
CA LYS A 233 12.84 11.68 0.30
C LYS A 233 12.56 10.20 0.13
N GLU A 234 13.33 9.37 0.83
CA GLU A 234 13.17 7.93 0.75
C GLU A 234 11.77 7.49 1.15
N ILE A 235 11.35 7.90 2.34
CA ILE A 235 10.04 7.57 2.87
C ILE A 235 8.87 7.88 1.93
N PHE A 236 9.00 8.92 1.13
CA PHE A 236 7.93 9.28 0.20
C PHE A 236 8.23 8.86 -1.23
N LYS A 237 8.76 7.65 -1.35
CA LYS A 237 9.15 7.01 -2.60
C LYS A 237 10.27 7.74 -3.31
N VAL B 8 11.69 -14.04 -28.50
CA VAL B 8 11.19 -14.90 -27.39
C VAL B 8 10.29 -14.12 -26.42
N LYS B 9 9.13 -14.68 -26.12
CA LYS B 9 8.17 -14.05 -25.20
C LYS B 9 8.01 -14.87 -23.93
N VAL B 10 8.15 -14.21 -22.78
CA VAL B 10 8.01 -14.89 -21.48
C VAL B 10 6.81 -14.36 -20.69
N GLY B 11 5.94 -15.28 -20.29
CA GLY B 11 4.76 -14.91 -19.54
C GLY B 11 4.94 -14.88 -18.03
N VAL B 12 4.58 -13.75 -17.44
CA VAL B 12 4.67 -13.58 -15.99
C VAL B 12 3.44 -12.84 -15.50
N MET B 13 3.21 -12.87 -14.19
CA MET B 13 2.07 -12.17 -13.65
C MET B 13 2.45 -10.71 -13.44
N ALA B 14 1.53 -9.81 -13.73
CA ALA B 14 1.78 -8.38 -13.57
C ALA B 14 2.12 -8.05 -12.12
N GLY B 15 2.71 -6.88 -11.90
CA GLY B 15 3.04 -6.46 -10.56
C GLY B 15 4.42 -6.81 -10.06
N ALA B 16 4.53 -7.07 -8.76
CA ALA B 16 5.81 -7.42 -8.16
C ALA B 16 6.52 -8.49 -8.99
N GLU B 17 5.82 -9.60 -9.23
CA GLU B 17 6.41 -10.70 -10.00
C GLU B 17 7.04 -10.28 -11.33
N ALA B 18 6.37 -9.45 -12.10
CA ALA B 18 6.91 -8.99 -13.38
C ALA B 18 8.20 -8.19 -13.13
N GLN B 19 8.34 -7.64 -11.93
CA GLN B 19 9.53 -6.87 -11.58
C GLN B 19 10.71 -7.81 -11.41
N VAL B 20 10.48 -8.94 -10.75
CA VAL B 20 11.53 -9.92 -10.54
C VAL B 20 11.92 -10.47 -11.91
N ALA B 21 10.91 -10.72 -12.73
CA ALA B 21 11.15 -11.25 -14.07
C ALA B 21 12.01 -10.26 -14.85
N GLU B 22 11.82 -8.97 -14.56
CA GLU B 22 12.58 -7.92 -15.23
C GLU B 22 14.07 -8.13 -15.04
N VAL B 23 14.49 -8.26 -13.79
CA VAL B 23 15.90 -8.49 -13.49
C VAL B 23 16.36 -9.66 -14.34
N ALA B 24 15.65 -10.77 -14.22
CA ALA B 24 15.96 -11.98 -14.97
C ALA B 24 16.26 -11.60 -16.41
N ALA B 25 15.31 -10.91 -17.03
CA ALA B 25 15.45 -10.46 -18.40
C ALA B 25 16.81 -9.79 -18.62
N LYS B 26 17.13 -8.82 -17.75
CA LYS B 26 18.39 -8.11 -17.84
C LYS B 26 19.54 -9.12 -17.85
N VAL B 27 19.69 -9.83 -16.74
CA VAL B 27 20.73 -10.83 -16.61
C VAL B 27 20.79 -11.65 -17.89
N ALA B 28 19.75 -12.45 -18.13
CA ALA B 28 19.68 -13.29 -19.34
C ALA B 28 20.33 -12.55 -20.50
N LYS B 29 19.86 -11.34 -20.76
CA LYS B 29 20.39 -10.50 -21.84
C LYS B 29 21.87 -10.22 -21.56
N GLU B 30 22.13 -9.15 -20.81
CA GLU B 30 23.49 -8.75 -20.45
C GLU B 30 24.50 -9.87 -20.58
N LYS B 31 24.26 -10.97 -19.86
CA LYS B 31 25.17 -12.10 -19.90
C LYS B 31 25.04 -12.97 -21.15
N TYR B 32 24.15 -13.95 -21.11
CA TYR B 32 23.93 -14.88 -22.22
C TYR B 32 23.45 -14.23 -23.52
N GLY B 33 23.47 -12.90 -23.56
CA GLY B 33 23.05 -12.20 -24.75
C GLY B 33 21.67 -12.58 -25.28
N LEU B 34 20.84 -13.18 -24.44
CA LEU B 34 19.48 -13.59 -24.84
C LEU B 34 18.49 -12.46 -24.58
N ASP B 35 17.85 -11.99 -25.64
CA ASP B 35 16.88 -10.92 -25.53
C ASP B 35 15.59 -11.53 -24.96
N VAL B 36 14.75 -10.71 -24.33
CA VAL B 36 13.52 -11.22 -23.75
C VAL B 36 12.36 -10.23 -23.76
N GLU B 37 11.16 -10.75 -24.03
CA GLU B 37 9.97 -9.91 -24.03
C GLU B 37 9.04 -10.44 -22.95
N LEU B 38 8.77 -9.62 -21.93
CA LEU B 38 7.89 -10.05 -20.86
C LEU B 38 6.45 -9.68 -21.18
N VAL B 39 5.57 -10.67 -21.10
CA VAL B 39 4.15 -10.50 -21.36
C VAL B 39 3.44 -10.75 -20.03
N THR B 40 2.85 -9.69 -19.48
CA THR B 40 2.16 -9.75 -18.20
C THR B 40 0.73 -10.25 -18.29
N PHE B 41 0.32 -11.00 -17.27
CA PHE B 41 -1.04 -11.52 -17.20
C PHE B 41 -1.58 -11.21 -15.80
N THR B 42 -2.91 -11.11 -15.69
CA THR B 42 -3.56 -10.82 -14.42
C THR B 42 -4.34 -12.01 -13.90
N ASP B 43 -4.65 -12.95 -14.79
CA ASP B 43 -5.42 -14.12 -14.39
C ASP B 43 -4.60 -15.42 -14.46
N TYR B 44 -4.71 -16.25 -13.44
CA TYR B 44 -3.96 -17.51 -13.40
C TYR B 44 -4.23 -18.49 -14.53
N VAL B 45 -5.48 -18.60 -14.95
CA VAL B 45 -5.85 -19.55 -16.02
C VAL B 45 -5.43 -19.17 -17.44
N THR B 46 -4.69 -18.09 -17.62
CA THR B 46 -4.33 -17.67 -18.98
C THR B 46 -2.94 -18.08 -19.47
N PRO B 47 -1.90 -17.81 -18.68
CA PRO B 47 -0.53 -18.14 -19.06
C PRO B 47 -0.29 -19.54 -19.64
N ASN B 48 -0.80 -20.58 -18.99
CA ASN B 48 -0.60 -21.93 -19.51
C ASN B 48 -1.36 -22.13 -20.81
N ALA B 49 -2.52 -21.51 -20.94
CA ALA B 49 -3.31 -21.64 -22.17
C ALA B 49 -2.59 -20.87 -23.28
N ALA B 50 -1.88 -19.81 -22.90
CA ALA B 50 -1.15 -19.01 -23.85
C ALA B 50 0.05 -19.81 -24.35
N LEU B 51 0.76 -20.45 -23.42
CA LEU B 51 1.94 -21.25 -23.75
C LEU B 51 1.61 -22.40 -24.70
N ASP B 52 0.55 -23.14 -24.38
CA ASP B 52 0.11 -24.27 -25.19
C ASP B 52 -0.57 -23.84 -26.47
N ASP B 53 -0.38 -22.58 -26.85
CA ASP B 53 -0.97 -22.05 -28.09
C ASP B 53 0.16 -21.46 -28.90
N GLY B 54 1.29 -21.26 -28.23
CA GLY B 54 2.43 -20.66 -28.90
C GLY B 54 2.39 -19.15 -28.79
N SER B 55 1.39 -18.64 -28.07
CA SER B 55 1.24 -17.20 -27.88
C SER B 55 2.48 -16.65 -27.18
N ILE B 56 3.07 -17.49 -26.31
CA ILE B 56 4.28 -17.15 -25.57
C ILE B 56 5.18 -18.39 -25.67
N ASP B 57 6.42 -18.29 -25.19
CA ASP B 57 7.32 -19.44 -25.29
C ASP B 57 7.55 -20.21 -23.99
N MET B 58 7.27 -19.56 -22.86
CA MET B 58 7.43 -20.20 -21.56
C MET B 58 6.83 -19.26 -20.52
N ASN B 59 6.34 -19.82 -19.42
CA ASN B 59 5.76 -19.00 -18.37
C ASN B 59 6.38 -19.34 -17.02
N ALA B 60 6.34 -18.37 -16.11
CA ALA B 60 6.87 -18.54 -14.76
C ALA B 60 5.90 -17.84 -13.82
N PHE B 61 5.07 -18.60 -13.12
CA PHE B 61 4.07 -18.03 -12.23
C PHE B 61 3.38 -19.08 -11.37
N GLN B 62 3.47 -20.34 -11.79
CA GLN B 62 2.79 -21.42 -11.07
C GLN B 62 3.69 -22.35 -10.29
N HIS B 63 3.07 -23.35 -9.69
CA HIS B 63 3.76 -24.39 -8.93
C HIS B 63 3.20 -25.72 -9.41
N LYS B 64 3.99 -26.77 -9.27
CA LYS B 64 3.62 -28.09 -9.75
C LYS B 64 2.16 -28.51 -9.48
N PRO B 65 1.71 -28.44 -8.22
CA PRO B 65 0.32 -28.83 -7.94
C PRO B 65 -0.72 -28.16 -8.84
N TYR B 66 -0.55 -26.86 -9.08
CA TYR B 66 -1.48 -26.11 -9.93
C TYR B 66 -1.33 -26.53 -11.39
N LEU B 67 -0.11 -26.90 -11.73
CA LEU B 67 0.24 -27.33 -13.08
C LEU B 67 -0.43 -28.66 -13.44
N ASP B 68 -0.08 -29.71 -12.71
CA ASP B 68 -0.65 -31.04 -12.96
C ASP B 68 -2.16 -31.00 -12.89
N ARG B 69 -2.70 -29.99 -12.20
CA ARG B 69 -4.13 -29.86 -12.09
C ARG B 69 -4.75 -29.27 -13.35
N GLN B 70 -4.21 -28.17 -13.84
CA GLN B 70 -4.79 -27.56 -15.05
C GLN B 70 -4.53 -28.47 -16.25
N VAL B 71 -3.45 -29.24 -16.16
CA VAL B 71 -3.08 -30.17 -17.23
C VAL B 71 -4.08 -31.32 -17.34
N GLU B 72 -4.59 -31.81 -16.21
CA GLU B 72 -5.55 -32.92 -16.29
C GLU B 72 -6.95 -32.38 -16.55
N ASP B 73 -7.07 -31.06 -16.65
CA ASP B 73 -8.34 -30.40 -16.89
C ASP B 73 -8.44 -29.86 -18.31
N ARG B 74 -7.31 -29.37 -18.83
CA ARG B 74 -7.28 -28.82 -20.18
C ARG B 74 -6.34 -29.63 -21.07
N ASP B 75 -5.49 -30.45 -20.46
CA ASP B 75 -4.55 -31.26 -21.21
C ASP B 75 -3.68 -30.39 -22.09
N TYR B 76 -2.73 -29.67 -21.48
CA TYR B 76 -1.87 -28.78 -22.24
C TYR B 76 -0.52 -29.32 -22.70
N LYS B 77 -0.10 -30.49 -22.21
CA LYS B 77 1.19 -31.04 -22.63
C LYS B 77 2.32 -30.02 -22.47
N LEU B 78 2.89 -29.93 -21.28
CA LEU B 78 3.97 -29.00 -20.98
C LEU B 78 4.99 -29.72 -20.13
N THR B 79 6.15 -29.11 -19.89
CA THR B 79 7.16 -29.74 -19.04
C THR B 79 7.90 -28.72 -18.20
N ILE B 80 8.07 -29.05 -16.92
CA ILE B 80 8.76 -28.17 -16.01
C ILE B 80 10.18 -27.96 -16.49
N ALA B 81 10.60 -26.70 -16.58
CA ALA B 81 11.94 -26.38 -17.03
C ALA B 81 12.83 -25.95 -15.87
N GLY B 82 12.25 -25.86 -14.67
CA GLY B 82 13.04 -25.47 -13.51
C GLY B 82 12.32 -24.70 -12.41
N ASN B 83 12.74 -24.93 -11.17
CA ASN B 83 12.17 -24.27 -10.01
C ASN B 83 12.62 -22.81 -9.95
N THR B 84 11.78 -21.95 -9.38
CA THR B 84 12.10 -20.52 -9.25
C THR B 84 12.27 -20.09 -7.80
N PHE B 85 11.15 -19.86 -7.12
CA PHE B 85 11.18 -19.44 -5.72
C PHE B 85 10.02 -20.04 -4.95
N VAL B 86 9.96 -19.72 -3.66
CA VAL B 86 8.87 -20.21 -2.81
C VAL B 86 8.17 -19.00 -2.23
N TYR B 87 6.87 -18.88 -2.49
CA TYR B 87 6.12 -17.74 -1.97
C TYR B 87 5.09 -18.23 -0.97
N PRO B 88 5.52 -18.49 0.27
CA PRO B 88 4.60 -18.97 1.30
C PRO B 88 3.37 -18.06 1.36
N ILE B 89 2.22 -18.70 1.30
CA ILE B 89 0.96 -17.96 1.33
C ILE B 89 0.65 -17.57 2.78
N ALA B 90 0.11 -16.36 2.95
CA ALA B 90 -0.21 -15.88 4.29
C ALA B 90 -1.63 -15.36 4.40
N GLY B 91 -2.11 -15.32 5.64
CA GLY B 91 -3.44 -14.81 5.91
C GLY B 91 -3.32 -13.36 6.34
N TYR B 92 -4.16 -12.50 5.79
CA TYR B 92 -4.13 -11.09 6.13
C TYR B 92 -5.45 -10.64 6.71
N SER B 93 -5.43 -9.52 7.43
CA SER B 93 -6.64 -9.00 8.03
C SER B 93 -6.56 -7.50 8.29
N LYS B 94 -7.68 -6.83 8.15
CA LYS B 94 -7.77 -5.40 8.40
C LYS B 94 -8.46 -5.22 9.76
N GLN B 95 -8.91 -6.33 10.35
CA GLN B 95 -9.61 -6.27 11.63
C GLN B 95 -8.79 -6.89 12.77
N VAL B 96 -8.23 -8.06 12.52
CA VAL B 96 -7.45 -8.74 13.55
C VAL B 96 -5.95 -8.74 13.29
N LYS B 97 -5.22 -9.00 14.35
CA LYS B 97 -3.77 -9.00 14.37
C LYS B 97 -3.36 -10.44 14.73
N SER B 98 -4.33 -11.18 15.25
CA SER B 98 -4.10 -12.56 15.67
C SER B 98 -5.31 -13.44 15.40
N VAL B 99 -5.06 -14.74 15.22
CA VAL B 99 -6.12 -15.70 14.95
C VAL B 99 -6.93 -15.98 16.22
N ALA B 100 -6.24 -16.26 17.31
CA ALA B 100 -6.92 -16.51 18.56
C ALA B 100 -7.78 -15.30 18.86
N ALA B 101 -9.01 -15.55 19.30
CA ALA B 101 -9.95 -14.48 19.63
C ALA B 101 -10.59 -13.88 18.37
N LEU B 102 -10.62 -14.68 17.31
CA LEU B 102 -11.26 -14.30 16.06
C LEU B 102 -12.73 -14.56 16.43
N ALA B 103 -13.61 -13.62 16.14
CA ALA B 103 -15.02 -13.80 16.50
C ALA B 103 -15.65 -15.06 15.90
N ASP B 104 -16.70 -15.54 16.56
CA ASP B 104 -17.42 -16.71 16.07
C ASP B 104 -18.26 -16.27 14.87
N GLY B 105 -18.29 -17.07 13.82
CA GLY B 105 -19.10 -16.74 12.66
C GLY B 105 -18.45 -15.90 11.59
N VAL B 106 -17.19 -15.51 11.81
CA VAL B 106 -16.49 -14.70 10.84
C VAL B 106 -16.37 -15.39 9.48
N ARG B 107 -16.21 -14.60 8.42
CA ARG B 107 -16.03 -15.15 7.08
C ARG B 107 -14.53 -15.03 6.78
N ILE B 108 -13.96 -16.08 6.22
CA ILE B 108 -12.54 -16.09 5.87
C ILE B 108 -12.48 -16.37 4.37
N ALA B 109 -11.76 -15.55 3.62
CA ALA B 109 -11.67 -15.73 2.18
C ALA B 109 -10.43 -16.51 1.75
N VAL B 110 -10.59 -17.36 0.75
CA VAL B 110 -9.51 -18.19 0.24
C VAL B 110 -9.61 -18.33 -1.28
N PRO B 111 -8.50 -18.71 -1.94
CA PRO B 111 -8.51 -18.88 -3.39
C PRO B 111 -9.54 -19.95 -3.76
N ASN B 112 -10.11 -19.87 -4.95
CA ASN B 112 -11.11 -20.86 -5.34
C ASN B 112 -10.64 -21.91 -6.36
N ASP B 113 -9.37 -21.87 -6.75
CA ASP B 113 -8.84 -22.88 -7.66
C ASP B 113 -8.48 -24.05 -6.75
N PRO B 114 -8.83 -25.28 -7.16
CA PRO B 114 -8.56 -26.51 -6.38
C PRO B 114 -7.26 -26.66 -5.58
N THR B 115 -6.10 -26.44 -6.19
CA THR B 115 -4.86 -26.62 -5.44
C THR B 115 -4.62 -25.55 -4.40
N ASN B 116 -4.90 -24.30 -4.74
CA ASN B 116 -4.70 -23.22 -3.79
C ASN B 116 -5.83 -23.19 -2.75
N LEU B 117 -6.99 -23.74 -3.11
CA LEU B 117 -8.11 -23.80 -2.17
C LEU B 117 -7.74 -24.80 -1.08
N GLY B 118 -7.18 -25.93 -1.51
CA GLY B 118 -6.77 -26.99 -0.60
C GLY B 118 -5.57 -26.50 0.18
N ARG B 119 -4.71 -25.76 -0.50
CA ARG B 119 -3.53 -25.19 0.13
C ARG B 119 -3.96 -24.32 1.31
N SER B 120 -5.01 -23.53 1.10
CA SER B 120 -5.52 -22.64 2.14
C SER B 120 -6.15 -23.34 3.34
N LEU B 121 -7.04 -24.29 3.07
CA LEU B 121 -7.70 -25.02 4.16
C LEU B 121 -6.66 -25.71 5.02
N LEU B 122 -5.56 -26.14 4.40
CA LEU B 122 -4.49 -26.79 5.13
C LEU B 122 -3.81 -25.78 6.04
N LEU B 123 -3.68 -24.55 5.56
CA LEU B 123 -3.03 -23.51 6.35
C LEU B 123 -3.88 -23.16 7.56
N LEU B 124 -5.20 -23.13 7.38
CA LEU B 124 -6.11 -22.81 8.48
C LEU B 124 -6.06 -23.91 9.52
N GLU B 125 -5.95 -25.15 9.06
CA GLU B 125 -5.88 -26.28 9.98
C GLU B 125 -4.62 -26.10 10.83
N GLN B 126 -3.53 -25.74 10.17
CA GLN B 126 -2.25 -25.50 10.83
C GLN B 126 -2.40 -24.45 11.92
N GLN B 127 -3.44 -23.64 11.80
CA GLN B 127 -3.69 -22.58 12.77
C GLN B 127 -4.64 -23.02 13.86
N GLY B 128 -5.37 -24.11 13.62
CA GLY B 128 -6.30 -24.59 14.61
C GLY B 128 -7.69 -24.02 14.44
N LEU B 129 -7.92 -23.32 13.34
CA LEU B 129 -9.23 -22.72 13.06
C LEU B 129 -10.22 -23.79 12.65
N ILE B 130 -9.73 -24.81 11.95
CA ILE B 130 -10.57 -25.92 11.51
C ILE B 130 -9.72 -27.17 11.43
N LYS B 131 -10.37 -28.32 11.40
CA LYS B 131 -9.63 -29.57 11.28
C LYS B 131 -10.17 -30.35 10.10
N LEU B 132 -9.25 -30.82 9.27
CA LEU B 132 -9.61 -31.59 8.08
C LEU B 132 -9.56 -33.06 8.45
N ARG B 133 -10.17 -33.91 7.63
CA ARG B 133 -10.17 -35.35 7.90
C ARG B 133 -8.73 -35.87 7.89
N PRO B 134 -8.46 -36.94 8.67
CA PRO B 134 -7.17 -37.60 8.82
C PRO B 134 -6.17 -37.47 7.68
N GLU B 135 -6.50 -37.96 6.50
CA GLU B 135 -5.55 -37.82 5.42
C GLU B 135 -6.06 -37.12 4.18
N VAL B 136 -6.25 -35.81 4.31
CA VAL B 136 -6.69 -35.00 3.19
C VAL B 136 -5.45 -34.80 2.37
N GLY B 137 -5.60 -34.69 1.06
CA GLY B 137 -4.45 -34.49 0.19
C GLY B 137 -4.11 -33.03 0.01
N LEU B 138 -3.88 -32.64 -1.23
CA LEU B 138 -3.55 -31.26 -1.55
C LEU B 138 -4.76 -30.60 -2.18
N LEU B 139 -5.83 -31.38 -2.32
CA LEU B 139 -7.04 -30.88 -2.93
C LEU B 139 -8.20 -30.95 -1.95
N ALA B 140 -7.97 -30.44 -0.74
CA ALA B 140 -9.02 -30.43 0.26
C ALA B 140 -10.09 -29.42 -0.12
N THR B 141 -11.32 -29.68 0.31
CA THR B 141 -12.45 -28.79 0.06
C THR B 141 -13.33 -28.77 1.29
N VAL B 142 -14.28 -27.85 1.31
CA VAL B 142 -15.18 -27.72 2.45
C VAL B 142 -15.87 -29.03 2.78
N ARG B 143 -15.92 -29.94 1.79
CA ARG B 143 -16.54 -31.25 2.02
C ARG B 143 -15.66 -32.09 2.95
N ASP B 144 -14.42 -31.68 3.14
CA ASP B 144 -13.49 -32.40 4.00
C ASP B 144 -13.30 -31.84 5.41
N ILE B 145 -14.11 -30.85 5.79
CA ILE B 145 -13.97 -30.26 7.11
C ILE B 145 -14.66 -31.13 8.16
N VAL B 146 -13.96 -31.45 9.23
CA VAL B 146 -14.54 -32.28 10.28
C VAL B 146 -14.82 -31.54 11.58
N GLU B 147 -14.14 -30.41 11.78
CA GLU B 147 -14.33 -29.58 12.97
C GLU B 147 -14.28 -28.09 12.65
N ASN B 148 -15.26 -27.35 13.18
CA ASN B 148 -15.32 -25.90 12.98
C ASN B 148 -15.83 -25.25 14.27
N PRO B 149 -14.95 -25.16 15.29
CA PRO B 149 -15.26 -24.57 16.61
C PRO B 149 -15.77 -23.12 16.61
N LYS B 150 -15.14 -22.26 15.81
CA LYS B 150 -15.55 -20.87 15.76
C LYS B 150 -16.66 -20.62 14.75
N ASN B 151 -17.18 -21.70 14.16
CA ASN B 151 -18.25 -21.61 13.16
C ASN B 151 -17.92 -20.65 12.03
N ILE B 152 -16.78 -20.86 11.39
CA ILE B 152 -16.35 -20.02 10.30
C ILE B 152 -17.10 -20.34 9.01
N THR B 153 -17.13 -19.36 8.11
CA THR B 153 -17.75 -19.54 6.80
C THR B 153 -16.66 -19.23 5.80
N ILE B 154 -16.20 -20.27 5.10
CA ILE B 154 -15.15 -20.13 4.10
C ILE B 154 -15.74 -19.51 2.83
N MET B 155 -15.20 -18.37 2.42
CA MET B 155 -15.66 -17.71 1.21
C MET B 155 -14.61 -17.96 0.13
N GLU B 156 -15.02 -18.61 -0.96
CA GLU B 156 -14.12 -18.93 -2.04
C GLU B 156 -14.24 -17.92 -3.18
N LEU B 157 -13.13 -17.24 -3.47
CA LEU B 157 -13.12 -16.24 -4.53
C LEU B 157 -11.97 -16.43 -5.49
N ASP B 158 -12.05 -15.74 -6.62
CA ASP B 158 -11.00 -15.80 -7.63
C ASP B 158 -9.77 -15.12 -7.06
N ALA B 159 -8.62 -15.78 -7.18
CA ALA B 159 -7.36 -15.27 -6.66
C ALA B 159 -7.17 -13.77 -6.79
N ALA B 160 -7.54 -13.21 -7.94
CA ALA B 160 -7.39 -11.79 -8.18
C ALA B 160 -8.33 -10.91 -7.35
N GLN B 161 -9.43 -11.49 -6.88
CA GLN B 161 -10.38 -10.75 -6.06
C GLN B 161 -10.08 -10.75 -4.57
N LEU B 162 -9.11 -11.56 -4.14
CA LEU B 162 -8.78 -11.65 -2.74
C LEU B 162 -8.31 -10.34 -2.09
N PRO B 163 -7.54 -9.52 -2.82
CA PRO B 163 -7.10 -8.26 -2.21
C PRO B 163 -8.29 -7.41 -1.75
N ARG B 164 -9.28 -7.28 -2.63
CA ARG B 164 -10.46 -6.49 -2.35
C ARG B 164 -11.26 -7.07 -1.18
N SER B 165 -11.20 -8.38 -0.99
CA SER B 165 -11.95 -9.06 0.07
C SER B 165 -11.64 -8.64 1.50
N LEU B 166 -10.48 -8.02 1.71
CA LEU B 166 -10.10 -7.61 3.05
C LEU B 166 -11.02 -6.55 3.65
N ASP B 167 -11.93 -6.04 2.84
CA ASP B 167 -12.87 -5.02 3.28
C ASP B 167 -14.25 -5.64 3.51
N ASP B 168 -14.36 -6.95 3.31
CA ASP B 168 -15.64 -7.63 3.47
C ASP B 168 -15.63 -8.82 4.42
N VAL B 169 -14.44 -9.32 4.74
CA VAL B 169 -14.32 -10.48 5.63
C VAL B 169 -13.37 -10.19 6.77
N ALA B 170 -13.38 -11.08 7.76
CA ALA B 170 -12.51 -10.95 8.92
C ALA B 170 -11.06 -11.18 8.55
N LEU B 171 -10.83 -12.16 7.69
CA LEU B 171 -9.47 -12.50 7.28
C LEU B 171 -9.46 -13.15 5.90
N SER B 172 -8.41 -12.85 5.14
CA SER B 172 -8.26 -13.39 3.80
C SER B 172 -6.88 -13.99 3.56
N ILE B 173 -6.84 -15.12 2.88
CA ILE B 173 -5.59 -15.77 2.53
C ILE B 173 -5.32 -15.40 1.08
N ILE B 174 -4.35 -14.51 0.87
CA ILE B 174 -4.01 -14.01 -0.47
C ILE B 174 -2.65 -14.48 -0.99
N ASN B 175 -2.60 -14.84 -2.28
CA ASN B 175 -1.34 -15.26 -2.89
C ASN B 175 -0.46 -14.00 -2.90
N THR B 176 0.81 -14.13 -2.54
CA THR B 176 1.70 -12.99 -2.51
C THR B 176 1.69 -12.24 -3.83
N THR B 177 1.33 -12.94 -4.90
CA THR B 177 1.26 -12.35 -6.23
C THR B 177 0.34 -11.13 -6.18
N TYR B 178 -0.84 -11.33 -5.59
CA TYR B 178 -1.84 -10.28 -5.49
C TYR B 178 -1.74 -9.44 -4.23
N ALA B 179 -1.32 -10.05 -3.13
CA ALA B 179 -1.19 -9.29 -1.89
C ALA B 179 -0.18 -8.17 -2.12
N SER B 180 0.85 -8.47 -2.90
CA SER B 180 1.91 -7.52 -3.20
C SER B 180 1.34 -6.29 -3.91
N SER B 181 0.32 -6.50 -4.73
CA SER B 181 -0.26 -5.39 -5.46
C SER B 181 -0.80 -4.33 -4.51
N ILE B 182 -1.19 -4.72 -3.30
CA ILE B 182 -1.70 -3.76 -2.34
C ILE B 182 -0.70 -3.52 -1.23
N ASN B 183 0.57 -3.71 -1.54
CA ASN B 183 1.65 -3.47 -0.59
C ASN B 183 1.56 -4.31 0.69
N LEU B 184 1.26 -5.59 0.53
CA LEU B 184 1.19 -6.48 1.69
C LEU B 184 2.10 -7.67 1.45
N THR B 185 2.90 -8.01 2.45
CA THR B 185 3.79 -9.16 2.33
C THR B 185 3.61 -10.02 3.56
N PRO B 186 3.89 -11.31 3.45
CA PRO B 186 3.76 -12.26 4.55
C PRO B 186 4.46 -11.87 5.84
N GLU B 187 5.77 -11.69 5.78
CA GLU B 187 6.50 -11.35 6.99
C GLU B 187 6.20 -9.97 7.56
N LYS B 188 5.81 -9.05 6.68
CA LYS B 188 5.52 -7.69 7.09
C LYS B 188 4.12 -7.50 7.66
N ASP B 189 3.11 -8.03 6.97
CA ASP B 189 1.73 -7.84 7.42
C ASP B 189 0.99 -9.12 7.76
N GLY B 190 1.50 -10.24 7.24
CA GLY B 190 0.86 -11.52 7.47
C GLY B 190 0.44 -11.77 8.90
N VAL B 191 -0.76 -12.32 9.07
CA VAL B 191 -1.29 -12.66 10.39
C VAL B 191 -0.72 -14.03 10.78
N PHE B 192 -0.51 -14.88 9.78
CA PHE B 192 0.08 -16.20 9.96
C PHE B 192 0.63 -16.60 8.60
N VAL B 193 1.69 -17.40 8.57
CA VAL B 193 2.28 -17.79 7.30
C VAL B 193 2.52 -19.28 7.09
N GLU B 194 2.58 -19.66 5.81
CA GLU B 194 2.80 -21.03 5.39
C GLU B 194 4.26 -21.40 5.63
N ASP B 195 4.49 -22.64 6.05
CA ASP B 195 5.85 -23.12 6.30
C ASP B 195 6.70 -22.87 5.07
N LYS B 196 7.93 -22.42 5.30
CA LYS B 196 8.87 -22.14 4.22
C LYS B 196 9.11 -23.36 3.34
N GLU B 197 9.00 -24.54 3.94
CA GLU B 197 9.20 -25.79 3.21
C GLU B 197 7.86 -26.38 2.81
N SER B 198 7.48 -26.20 1.54
CA SER B 198 6.21 -26.73 1.06
C SER B 198 6.28 -27.21 -0.39
N PRO B 199 5.22 -27.90 -0.84
CA PRO B 199 5.18 -28.39 -2.22
C PRO B 199 4.70 -27.33 -3.19
N TYR B 200 5.08 -26.07 -2.95
CA TYR B 200 4.59 -25.01 -3.84
C TYR B 200 5.66 -24.12 -4.45
N VAL B 201 6.87 -24.64 -4.56
CA VAL B 201 7.96 -23.87 -5.18
C VAL B 201 7.42 -23.50 -6.56
N ASN B 202 7.58 -22.24 -6.96
CA ASN B 202 7.08 -21.81 -8.27
C ASN B 202 7.96 -22.37 -9.38
N LEU B 203 7.40 -22.42 -10.60
CA LEU B 203 8.09 -22.98 -11.76
C LEU B 203 8.24 -22.06 -12.97
N ILE B 204 9.04 -22.55 -13.92
CA ILE B 204 9.22 -21.91 -15.21
C ILE B 204 8.89 -23.08 -16.11
N VAL B 205 7.70 -23.04 -16.68
CA VAL B 205 7.22 -24.11 -17.54
C VAL B 205 7.31 -23.74 -19.00
N ALA B 206 7.26 -24.77 -19.85
CA ALA B 206 7.31 -24.62 -21.30
C ALA B 206 6.52 -25.76 -21.92
N ARG B 207 6.28 -25.66 -23.22
CA ARG B 207 5.56 -26.70 -23.93
C ARG B 207 6.43 -27.95 -23.89
N GLN B 208 5.80 -29.12 -23.94
CA GLN B 208 6.54 -30.37 -23.94
C GLN B 208 7.50 -30.40 -25.14
N ASP B 209 7.14 -29.69 -26.21
CA ASP B 209 7.97 -29.64 -27.40
C ASP B 209 8.73 -28.33 -27.56
N ASN B 210 9.60 -28.02 -26.60
CA ASN B 210 10.42 -26.82 -26.64
C ASN B 210 11.14 -26.64 -25.33
N VAL B 211 10.74 -27.40 -24.31
CA VAL B 211 11.36 -27.33 -23.00
C VAL B 211 12.87 -27.52 -23.12
N GLN B 212 13.29 -28.47 -23.95
CA GLN B 212 14.71 -28.76 -24.15
C GLN B 212 15.44 -27.62 -24.87
N ASN B 213 14.71 -26.87 -25.68
CA ASN B 213 15.26 -25.75 -26.45
C ASN B 213 16.27 -24.93 -25.67
N GLU B 214 17.11 -24.22 -26.42
CA GLU B 214 18.15 -23.37 -25.83
C GLU B 214 17.56 -22.30 -24.92
N ASN B 215 17.03 -21.24 -25.53
CA ASN B 215 16.44 -20.11 -24.79
C ASN B 215 15.75 -20.53 -23.49
N VAL B 216 14.85 -21.51 -23.59
CA VAL B 216 14.14 -22.00 -22.40
C VAL B 216 15.15 -22.31 -21.31
N GLN B 217 16.00 -23.31 -21.55
CA GLN B 217 17.03 -23.69 -20.57
C GLN B 217 17.93 -22.52 -20.24
N ASN B 218 18.11 -21.61 -21.18
CA ASN B 218 18.93 -20.43 -20.95
C ASN B 218 18.29 -19.64 -19.82
N PHE B 219 17.14 -19.05 -20.13
CA PHE B 219 16.37 -18.23 -19.18
C PHE B 219 16.25 -18.91 -17.82
N VAL B 220 15.94 -20.20 -17.82
CA VAL B 220 15.78 -20.95 -16.58
C VAL B 220 16.95 -20.76 -15.63
N LYS B 221 18.11 -20.36 -16.14
CA LYS B 221 19.27 -20.15 -15.26
C LYS B 221 19.44 -18.68 -14.92
N ALA B 222 19.28 -17.81 -15.92
CA ALA B 222 19.42 -16.39 -15.70
C ALA B 222 18.44 -15.98 -14.60
N TYR B 223 17.42 -16.81 -14.42
CA TYR B 223 16.41 -16.55 -13.41
C TYR B 223 16.91 -17.08 -12.06
N GLN B 224 17.56 -18.26 -12.13
CA GLN B 224 18.08 -18.90 -10.94
C GLN B 224 19.37 -18.27 -10.40
N THR B 225 19.71 -17.07 -10.87
CA THR B 225 20.92 -16.40 -10.40
C THR B 225 20.69 -15.70 -9.07
N GLU B 226 21.67 -14.93 -8.63
CA GLU B 226 21.58 -14.21 -7.36
C GLU B 226 21.01 -12.81 -7.49
N GLU B 227 21.57 -12.03 -8.41
CA GLU B 227 21.09 -10.67 -8.63
C GLU B 227 19.56 -10.70 -8.72
N VAL B 228 19.03 -11.86 -9.13
CA VAL B 228 17.60 -12.07 -9.25
C VAL B 228 17.02 -12.45 -7.88
N TYR B 229 17.52 -13.53 -7.30
CA TYR B 229 17.05 -14.00 -6.00
C TYR B 229 17.10 -12.86 -4.98
N THR B 230 18.10 -12.00 -5.13
CA THR B 230 18.27 -10.86 -4.24
C THR B 230 17.22 -9.82 -4.61
N ALA B 231 17.03 -9.65 -5.92
CA ALA B 231 16.05 -8.71 -6.44
C ALA B 231 14.70 -9.09 -5.85
N ALA B 232 14.48 -10.40 -5.71
CA ALA B 232 13.24 -10.89 -5.14
C ALA B 232 13.15 -10.35 -3.72
N LYS B 233 13.93 -10.94 -2.82
CA LYS B 233 13.97 -10.54 -1.41
C LYS B 233 13.76 -9.05 -1.19
N GLU B 234 14.40 -8.25 -2.03
CA GLU B 234 14.31 -6.80 -1.94
C GLU B 234 12.96 -6.29 -2.44
N ILE B 235 12.44 -6.90 -3.50
CA ILE B 235 11.16 -6.48 -4.07
C ILE B 235 9.96 -6.83 -3.19
N PHE B 236 10.03 -7.97 -2.52
CA PHE B 236 8.95 -8.41 -1.66
C PHE B 236 9.15 -7.96 -0.20
N LYS B 237 9.66 -6.74 -0.06
CA LYS B 237 9.93 -6.07 1.22
C LYS B 237 9.81 -6.99 2.44
N MET C . 0.03 17.64 6.04
CA MET C . -1.11 18.27 5.26
C MET C . -0.60 18.58 3.90
O MET C . 0.55 19.09 3.78
CB MET C . -1.60 19.58 5.82
CG MET C . -2.18 19.50 7.16
SD MET C . -3.18 20.90 7.52
CE MET C . -3.58 20.24 9.10
OXT MET C . -1.32 18.35 2.92
N MET D . 2.41 -17.79 -6.95
CA MET D . 1.44 -18.64 -6.18
C MET D . 2.06 -18.90 -4.82
O MET D . 3.15 -19.52 -4.75
CB MET D . 1.18 -19.98 -6.86
CG MET D . 0.55 -19.88 -8.21
SD MET D . -0.43 -21.30 -8.57
CE MET D . -0.97 -20.72 -10.16
OXT MET D . 1.47 -18.50 -3.79
#